data_3W22
#
_entry.id   3W22
#
_cell.length_a   68.058
_cell.length_b   71.637
_cell.length_c   129.293
_cell.angle_alpha   90.00
_cell.angle_beta   90.00
_cell.angle_gamma   90.00
#
_symmetry.space_group_name_H-M   'P 21 21 21'
#
loop_
_entity.id
_entity.type
_entity.pdbx_description
1 polymer 'Dihydroorotate dehydrogenase (fumarate)'
2 non-polymer '5-[2-(4-tert-butylphenyl)ethyl]-2,6-dioxo-1,2,3,6-tetrahydropyrimidine-4-carboxylic acid'
3 non-polymer GLYCEROL
4 non-polymer 'FLAVIN MONONUCLEOTIDE'
5 non-polymer 'COBALT HEXAMMINE(III)'
6 water water
#
_entity_poly.entity_id   1
_entity_poly.type   'polypeptide(L)'
_entity_poly.pdbx_seq_one_letter_code
;MCLKLNLLDHVFANPFMNAAGVLCSTEEDLRCMTASSSGALVSKSCTSAPRDGNPEPRYMAFPLGSINSMGLPNLGFDFY
LKYASDLHDYSKKPLFLSISGLSVEENVAMVRRLAPVAQEKGVLLELNLSCPNVPGKPQVAYDFEAMRTYLQQVSLAYGL
PFGVKMPPYFDIAHFDTAAAVLNEFPLVKFVTCVNSVGNGLVIDAESESVVIKPKQGFGGLGGKYILPTALANVNAFYRR
CPDKLVFGCGGVYSGEDAFLHILAGASMVQVGTALQEEGPGIFTRLEDELLEIMARKGYRTLEEFRGRVKTIE
;
_entity_poly.pdbx_strand_id   A,B
#
# COMPACT_ATOMS: atom_id res chain seq x y z
N MET A 1 26.17 -24.07 -11.29
CA MET A 1 25.32 -22.91 -10.97
C MET A 1 24.04 -22.85 -11.78
N CYS A 2 22.92 -22.93 -11.10
CA CYS A 2 21.65 -23.33 -11.63
C CYS A 2 20.45 -22.47 -11.26
N LEU A 3 19.64 -22.04 -12.22
CA LEU A 3 18.37 -21.43 -11.92
C LEU A 3 17.20 -22.42 -11.95
N LYS A 4 17.45 -23.67 -12.27
CA LYS A 4 16.41 -24.70 -12.45
C LYS A 4 15.61 -24.90 -11.17
N LEU A 5 14.34 -25.17 -11.32
CA LEU A 5 13.54 -25.64 -10.23
C LEU A 5 12.47 -26.68 -10.58
N ASN A 6 12.14 -27.51 -9.64
CA ASN A 6 11.11 -28.52 -9.84
C ASN A 6 10.10 -28.30 -8.78
N LEU A 7 8.90 -27.93 -9.16
CA LEU A 7 7.84 -27.83 -8.22
C LEU A 7 6.50 -28.12 -8.81
N LEU A 8 5.58 -28.53 -7.97
CA LEU A 8 4.28 -28.87 -8.41
C LEU A 8 4.35 -29.94 -9.52
N ASP A 9 5.33 -30.80 -9.46
CA ASP A 9 5.47 -31.84 -10.45
C ASP A 9 5.75 -31.33 -11.83
N HIS A 10 6.31 -30.14 -11.91
CA HIS A 10 6.78 -29.63 -13.17
C HIS A 10 8.22 -29.18 -13.05
N VAL A 11 8.94 -29.10 -14.15
CA VAL A 11 10.28 -28.56 -14.18
C VAL A 11 10.27 -27.20 -14.85
N PHE A 12 11.05 -26.29 -14.30
CA PHE A 12 11.13 -24.92 -14.75
C PHE A 12 12.63 -24.57 -14.94
N ALA A 13 13.00 -24.06 -16.09
CA ALA A 13 14.36 -23.73 -16.36
C ALA A 13 14.83 -22.59 -15.44
N ASN A 14 13.92 -21.73 -15.02
CA ASN A 14 14.29 -20.60 -14.16
C ASN A 14 13.01 -20.17 -13.45
N PRO A 15 13.12 -19.36 -12.42
CA PRO A 15 11.94 -18.98 -11.70
C PRO A 15 11.07 -17.84 -12.28
N PHE A 16 11.42 -17.28 -13.44
CA PHE A 16 10.68 -16.09 -13.95
C PHE A 16 9.49 -16.44 -14.78
N MET A 17 8.43 -15.63 -14.63
CA MET A 17 7.26 -15.71 -15.48
C MET A 17 6.62 -14.36 -15.53
N ASN A 18 5.70 -14.15 -16.47
CA ASN A 18 4.92 -12.94 -16.47
C ASN A 18 3.97 -12.95 -15.26
N ALA A 19 3.58 -11.76 -14.86
CA ALA A 19 2.43 -11.59 -13.92
C ALA A 19 1.16 -11.66 -14.69
N ALA A 20 0.12 -12.30 -14.16
CA ALA A 20 -1.11 -12.35 -14.86
C ALA A 20 -1.58 -10.90 -15.26
N GLY A 21 -2.10 -10.84 -16.48
CA GLY A 21 -2.56 -9.66 -17.12
C GLY A 21 -1.54 -9.04 -18.03
N VAL A 22 -0.27 -9.30 -17.84
CA VAL A 22 0.75 -8.73 -18.71
C VAL A 22 1.19 -9.73 -19.79
N LEU A 23 1.12 -9.30 -21.03
CA LEU A 23 1.61 -10.03 -22.16
C LEU A 23 1.03 -11.44 -22.21
N CYS A 24 -0.24 -11.54 -21.96
CA CYS A 24 -0.86 -12.82 -21.89
C CYS A 24 -2.34 -12.87 -22.25
N SER A 25 -2.84 -11.88 -22.95
CA SER A 25 -4.25 -11.84 -23.32
C SER A 25 -4.71 -12.59 -24.58
N THR A 26 -3.87 -12.65 -25.59
CA THR A 26 -4.23 -13.12 -26.89
C THR A 26 -3.31 -14.29 -27.25
N GLU A 27 -3.63 -14.98 -28.32
CA GLU A 27 -2.80 -16.07 -28.76
C GLU A 27 -1.40 -15.57 -29.10
N GLU A 28 -1.38 -14.42 -29.71
CA GLU A 28 -0.10 -13.80 -30.08
C GLU A 28 0.72 -13.59 -28.80
N ASP A 29 0.11 -12.98 -27.78
CA ASP A 29 0.81 -12.72 -26.49
C ASP A 29 1.36 -14.03 -25.87
N LEU A 30 0.53 -15.05 -25.86
CA LEU A 30 0.91 -16.27 -25.17
C LEU A 30 2.03 -16.97 -25.97
N ARG A 31 1.99 -16.93 -27.29
CA ARG A 31 3.07 -17.49 -28.09
C ARG A 31 4.38 -16.72 -27.86
N CYS A 32 4.27 -15.42 -27.72
CA CYS A 32 5.40 -14.53 -27.39
C CYS A 32 6.00 -14.88 -26.05
N MET A 33 5.19 -14.96 -24.98
CA MET A 33 5.69 -15.41 -23.73
C MET A 33 6.31 -16.81 -23.83
N THR A 34 5.72 -17.72 -24.59
CA THR A 34 6.33 -19.06 -24.73
C THR A 34 7.69 -19.01 -25.42
N ALA A 35 7.82 -18.16 -26.45
CA ALA A 35 9.09 -18.00 -27.17
C ALA A 35 10.19 -17.30 -26.35
N SER A 36 9.80 -16.62 -25.26
CA SER A 36 10.71 -15.91 -24.42
C SER A 36 11.55 -16.88 -23.56
N SER A 37 12.52 -16.34 -22.80
CA SER A 37 13.37 -17.21 -21.98
C SER A 37 12.75 -17.33 -20.58
N SER A 38 11.55 -16.78 -20.37
CA SER A 38 10.84 -17.08 -19.06
C SER A 38 10.80 -18.58 -18.74
N GLY A 39 10.81 -18.94 -17.43
CA GLY A 39 10.66 -20.33 -17.01
C GLY A 39 9.24 -20.84 -17.09
N ALA A 40 8.27 -19.92 -17.09
CA ALA A 40 6.85 -20.26 -17.25
C ALA A 40 6.04 -19.04 -17.75
N LEU A 41 4.72 -19.24 -17.93
CA LEU A 41 3.82 -18.19 -18.27
C LEU A 41 2.48 -18.43 -17.66
N VAL A 42 1.77 -17.32 -17.47
CA VAL A 42 0.37 -17.39 -17.00
C VAL A 42 -0.53 -16.61 -17.92
N SER A 43 -1.71 -17.16 -18.21
CA SER A 43 -2.71 -16.51 -19.04
C SER A 43 -3.42 -15.37 -18.31
N LYS A 44 -3.94 -14.39 -19.08
CA LYS A 44 -4.77 -13.35 -18.51
C LYS A 44 -5.97 -13.91 -17.75
N SER A 45 -6.31 -13.28 -16.63
CA SER A 45 -7.39 -13.75 -15.77
C SER A 45 -8.65 -13.67 -16.61
N CYS A 46 -9.42 -14.78 -16.68
CA CYS A 46 -10.55 -14.84 -17.59
C CYS A 46 -11.91 -15.01 -16.82
N THR A 47 -12.97 -14.67 -17.56
CA THR A 47 -14.38 -14.80 -17.12
C THR A 47 -14.98 -15.81 -18.06
N SER A 48 -16.19 -16.28 -17.78
CA SER A 48 -16.84 -17.19 -18.70
C SER A 48 -17.04 -16.54 -20.07
N ALA A 49 -17.53 -15.31 -20.08
CA ALA A 49 -17.84 -14.63 -21.33
C ALA A 49 -16.64 -13.70 -21.67
N PRO A 50 -16.33 -13.49 -22.94
CA PRO A 50 -15.30 -12.51 -23.32
C PRO A 50 -15.69 -11.14 -22.79
N ARG A 51 -14.73 -10.28 -22.45
CA ARG A 51 -14.98 -8.92 -22.01
C ARG A 51 -14.10 -7.89 -22.71
N ASP A 52 -14.67 -6.71 -23.02
CA ASP A 52 -13.94 -5.61 -23.65
C ASP A 52 -13.11 -4.90 -22.58
N GLY A 53 -13.56 -4.93 -21.34
CA GLY A 53 -12.94 -4.20 -20.28
C GLY A 53 -13.37 -2.76 -20.22
N ASN A 54 -12.68 -2.01 -19.38
CA ASN A 54 -12.94 -0.59 -19.17
C ASN A 54 -12.51 0.31 -20.36
N PRO A 55 -13.08 1.49 -20.42
CA PRO A 55 -12.63 2.46 -21.38
C PRO A 55 -11.20 2.96 -21.17
N GLU A 56 -10.56 3.28 -22.27
CA GLU A 56 -9.15 3.75 -22.29
C GLU A 56 -9.04 5.27 -22.18
N PRO A 57 -7.93 5.79 -21.63
CA PRO A 57 -6.78 5.15 -21.06
C PRO A 57 -7.14 4.42 -19.75
N ARG A 58 -6.56 3.25 -19.60
CA ARG A 58 -6.83 2.42 -18.45
C ARG A 58 -5.55 1.82 -17.85
N TYR A 59 -4.40 2.03 -18.49
CA TYR A 59 -3.13 1.69 -17.95
C TYR A 59 -2.17 2.79 -18.22
N MET A 60 -1.33 3.16 -17.22
CA MET A 60 -0.23 4.10 -17.54
C MET A 60 0.94 3.75 -16.67
N ALA A 61 2.12 4.00 -17.21
CA ALA A 61 3.34 3.74 -16.50
C ALA A 61 4.22 4.97 -16.42
N PHE A 62 5.09 4.97 -15.43
CA PHE A 62 5.90 6.13 -15.07
C PHE A 62 7.21 5.54 -14.50
N PRO A 63 8.24 6.38 -14.21
CA PRO A 63 9.49 5.88 -13.66
C PRO A 63 9.34 4.92 -12.45
N LEU A 64 8.41 5.20 -11.57
CA LEU A 64 8.33 4.38 -10.33
C LEU A 64 7.25 3.33 -10.40
N GLY A 65 6.54 3.23 -11.53
CA GLY A 65 5.57 2.14 -11.72
C GLY A 65 4.37 2.46 -12.58
N SER A 66 3.27 1.74 -12.31
CA SER A 66 2.13 1.75 -13.16
C SER A 66 0.83 1.83 -12.33
N ILE A 67 -0.18 2.32 -13.01
CA ILE A 67 -1.56 2.32 -12.47
C ILE A 67 -2.46 1.74 -13.54
N ASN A 68 -3.44 0.90 -13.13
CA ASN A 68 -4.33 0.32 -14.06
C ASN A 68 -5.71 0.11 -13.48
N SER A 69 -6.69 0.30 -14.34
CA SER A 69 -8.00 -0.21 -14.06
C SER A 69 -8.55 -0.83 -15.34
N MET A 70 -7.98 -1.99 -15.68
CA MET A 70 -8.24 -2.59 -16.98
C MET A 70 -9.73 -3.08 -17.07
N GLY A 71 -10.30 -3.54 -15.97
CA GLY A 71 -11.66 -4.10 -16.02
C GLY A 71 -11.77 -5.51 -16.59
N LEU A 72 -10.74 -6.32 -16.41
CA LEU A 72 -10.74 -7.73 -16.84
C LEU A 72 -11.09 -7.89 -18.32
N PRO A 73 -10.44 -7.13 -19.19
CA PRO A 73 -10.57 -7.50 -20.60
C PRO A 73 -9.94 -8.88 -20.90
N ASN A 74 -10.62 -9.75 -21.66
CA ASN A 74 -10.13 -11.07 -21.85
C ASN A 74 -10.93 -11.76 -22.94
N LEU A 75 -10.36 -12.78 -23.58
CA LEU A 75 -11.00 -13.44 -24.68
C LEU A 75 -12.06 -14.46 -24.26
N GLY A 76 -12.26 -14.65 -22.97
CA GLY A 76 -13.21 -15.64 -22.48
C GLY A 76 -12.57 -16.99 -22.19
N PHE A 77 -13.18 -17.73 -21.28
CA PHE A 77 -12.66 -18.97 -20.80
C PHE A 77 -12.41 -19.98 -21.87
N ASP A 78 -13.36 -20.11 -22.79
CA ASP A 78 -13.23 -21.07 -23.82
C ASP A 78 -11.93 -20.87 -24.59
N PHE A 79 -11.57 -19.63 -24.82
CA PHE A 79 -10.31 -19.40 -25.56
C PHE A 79 -9.08 -19.88 -24.73
N TYR A 80 -8.98 -19.52 -23.46
CA TYR A 80 -7.79 -19.91 -22.67
C TYR A 80 -7.74 -21.44 -22.43
N LEU A 81 -8.92 -22.08 -22.31
CA LEU A 81 -9.01 -23.53 -22.22
C LEU A 81 -8.53 -24.20 -23.48
N LYS A 82 -8.92 -23.66 -24.62
CA LYS A 82 -8.44 -24.18 -25.92
C LYS A 82 -6.92 -24.02 -26.06
N TYR A 83 -6.41 -22.85 -25.64
CA TYR A 83 -4.97 -22.61 -25.68
C TYR A 83 -4.27 -23.68 -24.81
N ALA A 84 -4.76 -23.87 -23.61
CA ALA A 84 -4.21 -24.93 -22.78
C ALA A 84 -4.32 -26.37 -23.32
N SER A 85 -5.45 -26.73 -23.93
CA SER A 85 -5.62 -28.12 -24.32
C SER A 85 -5.05 -28.42 -25.68
N ASP A 86 -5.05 -27.46 -26.60
CA ASP A 86 -4.71 -27.68 -28.00
C ASP A 86 -3.51 -26.87 -28.52
N LEU A 87 -3.22 -25.69 -27.96
CA LEU A 87 -2.24 -24.81 -28.61
C LEU A 87 -0.93 -24.73 -27.88
N HIS A 88 -0.94 -24.80 -26.56
CA HIS A 88 0.31 -24.62 -25.83
C HIS A 88 1.27 -25.76 -26.00
N ASP A 89 2.53 -25.43 -26.17
CA ASP A 89 3.59 -26.43 -26.26
C ASP A 89 4.22 -26.62 -24.89
N TYR A 90 3.77 -27.66 -24.19
CA TYR A 90 4.31 -27.95 -22.88
C TYR A 90 5.78 -28.41 -22.89
N SER A 91 6.34 -28.77 -24.05
CA SER A 91 7.78 -29.09 -24.10
C SER A 91 8.62 -27.82 -23.89
N LYS A 92 8.03 -26.66 -24.10
CA LYS A 92 8.77 -25.41 -23.98
C LYS A 92 8.87 -24.95 -22.52
N LYS A 93 7.71 -24.84 -21.85
CA LYS A 93 7.67 -24.48 -20.46
C LYS A 93 6.25 -24.74 -19.88
N PRO A 94 6.12 -24.74 -18.59
CA PRO A 94 4.77 -24.91 -18.04
C PRO A 94 3.88 -23.69 -18.22
N LEU A 95 2.59 -23.96 -18.32
CA LEU A 95 1.51 -22.96 -18.36
C LEU A 95 0.67 -22.90 -17.10
N PHE A 96 0.43 -21.69 -16.56
CA PHE A 96 -0.63 -21.43 -15.57
C PHE A 96 -1.83 -20.77 -16.26
N LEU A 97 -3.06 -21.06 -15.84
CA LEU A 97 -4.18 -20.40 -16.37
C LEU A 97 -4.82 -19.70 -15.19
N SER A 98 -5.06 -18.41 -15.33
CA SER A 98 -5.60 -17.63 -14.24
C SER A 98 -7.08 -17.47 -14.50
N ILE A 99 -7.88 -17.62 -13.48
CA ILE A 99 -9.31 -17.35 -13.61
C ILE A 99 -9.81 -16.37 -12.59
N SER A 100 -10.79 -15.60 -13.00
CA SER A 100 -11.28 -14.54 -12.14
C SER A 100 -12.73 -14.31 -12.41
N GLY A 101 -13.53 -15.34 -12.13
CA GLY A 101 -15.01 -15.23 -12.29
C GLY A 101 -15.60 -14.18 -11.40
N LEU A 102 -16.73 -13.64 -11.81
CA LEU A 102 -17.38 -12.54 -11.13
C LEU A 102 -18.32 -13.01 -10.02
N SER A 103 -18.46 -14.30 -9.86
CA SER A 103 -19.18 -14.85 -8.73
C SER A 103 -18.58 -16.15 -8.46
N VAL A 104 -18.88 -16.71 -7.28
CA VAL A 104 -18.44 -18.04 -6.96
C VAL A 104 -18.94 -19.06 -8.00
N GLU A 105 -20.19 -18.94 -8.46
CA GLU A 105 -20.76 -19.92 -9.40
C GLU A 105 -19.97 -19.91 -10.75
N GLU A 106 -19.64 -18.71 -11.20
CA GLU A 106 -18.88 -18.59 -12.48
C GLU A 106 -17.52 -19.29 -12.32
N ASN A 107 -16.85 -19.11 -11.17
CA ASN A 107 -15.57 -19.80 -10.93
C ASN A 107 -15.69 -21.33 -10.88
N VAL A 108 -16.75 -21.82 -10.20
CA VAL A 108 -17.02 -23.21 -10.12
C VAL A 108 -17.18 -23.81 -11.52
N ALA A 109 -17.99 -23.19 -12.39
CA ALA A 109 -18.19 -23.76 -13.73
C ALA A 109 -16.90 -23.76 -14.51
N MET A 110 -16.06 -22.73 -14.34
CA MET A 110 -14.80 -22.80 -15.14
C MET A 110 -13.91 -23.93 -14.60
N VAL A 111 -13.76 -24.06 -13.28
CA VAL A 111 -12.77 -25.09 -12.78
C VAL A 111 -13.20 -26.53 -13.07
N ARG A 112 -14.52 -26.76 -13.08
CA ARG A 112 -15.07 -28.08 -13.46
C ARG A 112 -14.61 -28.44 -14.82
N ARG A 113 -14.60 -27.46 -15.71
CA ARG A 113 -14.20 -27.75 -17.09
C ARG A 113 -12.69 -27.74 -17.31
N LEU A 114 -11.96 -26.95 -16.52
CA LEU A 114 -10.47 -26.96 -16.55
C LEU A 114 -9.88 -28.29 -16.03
N ALA A 115 -10.56 -28.91 -15.09
CA ALA A 115 -10.02 -30.08 -14.41
C ALA A 115 -9.49 -31.19 -15.31
N PRO A 116 -10.28 -31.64 -16.28
CA PRO A 116 -9.76 -32.73 -17.11
C PRO A 116 -8.53 -32.28 -17.95
N VAL A 117 -8.54 -31.02 -18.35
CA VAL A 117 -7.40 -30.52 -19.12
C VAL A 117 -6.18 -30.41 -18.19
N ALA A 118 -6.36 -29.94 -16.97
CA ALA A 118 -5.26 -29.91 -15.99
C ALA A 118 -4.67 -31.29 -15.76
N GLN A 119 -5.53 -32.28 -15.52
CA GLN A 119 -5.10 -33.69 -15.41
C GLN A 119 -4.38 -34.24 -16.62
N GLU A 120 -4.91 -34.00 -17.82
CA GLU A 120 -4.34 -34.54 -19.01
C GLU A 120 -3.08 -33.79 -19.50
N LYS A 121 -3.12 -32.46 -19.51
CA LYS A 121 -2.01 -31.66 -20.04
C LYS A 121 -1.09 -31.09 -18.98
N GLY A 122 -1.57 -30.94 -17.74
CA GLY A 122 -0.71 -30.45 -16.67
C GLY A 122 -0.69 -28.91 -16.58
N VAL A 123 -1.62 -28.24 -17.27
CA VAL A 123 -1.92 -26.82 -16.97
C VAL A 123 -2.28 -26.63 -15.53
N LEU A 124 -1.79 -25.54 -14.94
CA LEU A 124 -1.87 -25.26 -13.49
C LEU A 124 -2.77 -24.06 -13.28
N LEU A 125 -3.60 -24.16 -12.27
CA LEU A 125 -4.59 -23.11 -12.00
C LEU A 125 -4.14 -22.11 -10.99
N GLU A 126 -4.31 -20.83 -11.33
CA GLU A 126 -4.10 -19.74 -10.42
C GLU A 126 -5.42 -19.02 -10.31
N LEU A 127 -5.99 -19.08 -9.13
CA LEU A 127 -7.32 -18.51 -8.91
C LEU A 127 -7.14 -17.12 -8.34
N ASN A 128 -7.71 -16.12 -9.01
CA ASN A 128 -7.49 -14.72 -8.66
C ASN A 128 -8.52 -14.35 -7.61
N LEU A 129 -8.04 -14.19 -6.37
CA LEU A 129 -8.88 -13.76 -5.27
C LEU A 129 -9.09 -12.25 -5.12
N SER A 130 -8.51 -11.45 -6.01
CA SER A 130 -9.06 -10.11 -6.20
C SER A 130 -10.27 -10.12 -7.13
N CYS A 131 -10.77 -11.27 -7.56
CA CYS A 131 -12.00 -11.24 -8.34
C CYS A 131 -13.02 -10.38 -7.58
N PRO A 132 -13.79 -9.56 -8.31
CA PRO A 132 -14.66 -8.60 -7.63
C PRO A 132 -15.85 -9.31 -6.96
N ASN A 133 -16.27 -8.77 -5.81
CA ASN A 133 -17.32 -9.31 -4.92
C ASN A 133 -18.67 -8.77 -5.45
N VAL A 134 -19.72 -8.86 -4.65
CA VAL A 134 -20.89 -8.01 -4.86
C VAL A 134 -20.44 -6.54 -4.64
N PRO A 135 -20.73 -5.62 -5.59
CA PRO A 135 -20.28 -4.22 -5.40
C PRO A 135 -20.79 -3.52 -4.14
N GLY A 136 -19.92 -2.72 -3.55
CA GLY A 136 -20.10 -2.18 -2.21
C GLY A 136 -19.60 -3.13 -1.14
N LYS A 137 -19.09 -4.28 -1.55
CA LYS A 137 -18.33 -5.09 -0.62
C LYS A 137 -16.87 -5.07 -1.04
N PRO A 138 -15.97 -5.37 -0.09
CA PRO A 138 -14.55 -5.36 -0.53
C PRO A 138 -14.27 -6.54 -1.47
N GLN A 139 -13.15 -6.44 -2.18
CA GLN A 139 -12.72 -7.54 -3.06
C GLN A 139 -12.70 -8.85 -2.24
N VAL A 140 -12.78 -10.00 -2.91
CA VAL A 140 -13.04 -11.26 -2.20
C VAL A 140 -11.99 -11.56 -1.09
N ALA A 141 -10.73 -11.30 -1.36
CA ALA A 141 -9.65 -11.63 -0.37
C ALA A 141 -9.57 -10.68 0.85
N TYR A 142 -10.26 -9.56 0.76
CA TYR A 142 -10.43 -8.66 1.92
C TYR A 142 -11.72 -8.92 2.67
N ASP A 143 -12.40 -10.02 2.32
CA ASP A 143 -13.67 -10.43 2.96
C ASP A 143 -13.50 -11.92 3.27
N PHE A 144 -13.05 -12.22 4.47
CA PHE A 144 -12.51 -13.59 4.78
C PHE A 144 -13.55 -14.65 4.66
N GLU A 145 -14.81 -14.31 4.91
CA GLU A 145 -15.87 -15.33 4.76
C GLU A 145 -16.22 -15.61 3.25
N ALA A 146 -16.25 -14.57 2.41
CA ALA A 146 -16.34 -14.81 0.99
C ALA A 146 -15.14 -15.65 0.48
N MET A 147 -13.92 -15.34 0.94
CA MET A 147 -12.73 -16.10 0.52
C MET A 147 -12.86 -17.56 0.91
N ARG A 148 -13.31 -17.82 2.15
CA ARG A 148 -13.46 -19.21 2.58
C ARG A 148 -14.46 -19.89 1.67
N THR A 149 -15.56 -19.18 1.42
CA THR A 149 -16.62 -19.74 0.56
C THR A 149 -16.05 -20.13 -0.81
N TYR A 150 -15.32 -19.21 -1.43
CA TYR A 150 -14.79 -19.44 -2.77
C TYR A 150 -13.89 -20.68 -2.75
N LEU A 151 -13.02 -20.82 -1.71
CA LEU A 151 -12.00 -21.91 -1.73
C LEU A 151 -12.61 -23.27 -1.43
N GLN A 152 -13.61 -23.30 -0.57
CA GLN A 152 -14.36 -24.56 -0.37
C GLN A 152 -14.95 -25.08 -1.69
N GLN A 153 -15.64 -24.20 -2.40
CA GLN A 153 -16.40 -24.60 -3.59
C GLN A 153 -15.43 -24.92 -4.74
N VAL A 154 -14.36 -24.13 -4.89
CA VAL A 154 -13.39 -24.41 -5.90
C VAL A 154 -12.63 -25.71 -5.59
N SER A 155 -12.29 -25.95 -4.32
CA SER A 155 -11.62 -27.20 -3.93
C SER A 155 -12.50 -28.38 -4.37
N LEU A 156 -13.76 -28.32 -3.98
CA LEU A 156 -14.76 -29.37 -4.32
C LEU A 156 -14.94 -29.55 -5.83
N ALA A 157 -15.16 -28.46 -6.54
CA ALA A 157 -15.42 -28.53 -7.98
C ALA A 157 -14.18 -28.93 -8.72
N TYR A 158 -12.99 -28.54 -8.23
CA TYR A 158 -11.77 -28.81 -9.00
C TYR A 158 -11.05 -30.11 -8.61
N GLY A 159 -10.79 -30.32 -7.33
CA GLY A 159 -10.26 -31.58 -6.84
C GLY A 159 -8.80 -31.81 -7.18
N LEU A 160 -8.08 -30.76 -7.56
CA LEU A 160 -6.66 -30.92 -7.91
C LEU A 160 -5.87 -29.78 -7.27
N PRO A 161 -4.57 -29.96 -7.13
CA PRO A 161 -3.75 -28.88 -6.61
C PRO A 161 -3.91 -27.62 -7.48
N PHE A 162 -4.09 -26.48 -6.85
CA PHE A 162 -4.13 -25.18 -7.52
C PHE A 162 -3.42 -24.10 -6.67
N GLY A 163 -3.37 -22.87 -7.18
CA GLY A 163 -2.89 -21.74 -6.32
C GLY A 163 -3.81 -20.59 -6.38
N VAL A 164 -3.50 -19.60 -5.56
CA VAL A 164 -4.27 -18.47 -5.38
C VAL A 164 -3.41 -17.16 -5.52
N LYS A 165 -3.96 -16.18 -6.22
CA LYS A 165 -3.35 -14.81 -6.33
C LYS A 165 -4.00 -13.90 -5.32
N MET A 166 -3.17 -13.37 -4.43
CA MET A 166 -3.63 -12.58 -3.23
C MET A 166 -3.34 -11.09 -3.41
N PRO A 167 -4.26 -10.24 -2.92
CA PRO A 167 -3.97 -8.85 -2.86
C PRO A 167 -3.00 -8.65 -1.71
N PRO A 168 -2.34 -7.48 -1.66
CA PRO A 168 -1.50 -7.23 -0.48
C PRO A 168 -2.34 -6.98 0.76
N TYR A 169 -1.83 -7.43 1.90
CA TYR A 169 -2.28 -6.96 3.21
C TYR A 169 -1.28 -6.05 3.95
N PHE A 170 -1.82 -5.28 4.89
CA PHE A 170 -1.06 -4.19 5.51
C PHE A 170 -1.06 -4.26 7.05
N ASP A 171 -1.68 -5.29 7.59
CA ASP A 171 -1.94 -5.38 9.04
C ASP A 171 -1.64 -6.85 9.47
N ILE A 172 -0.90 -7.04 10.56
CA ILE A 172 -0.44 -8.41 10.97
C ILE A 172 -1.66 -9.29 11.25
N ALA A 173 -2.74 -8.71 11.77
CA ALA A 173 -3.89 -9.54 12.14
C ALA A 173 -4.51 -10.10 10.86
N HIS A 174 -4.42 -9.28 9.81
CA HIS A 174 -4.84 -9.70 8.47
C HIS A 174 -3.99 -10.78 7.85
N PHE A 175 -2.63 -10.69 7.98
CA PHE A 175 -1.78 -11.78 7.61
C PHE A 175 -2.22 -13.07 8.30
N ASP A 176 -2.45 -12.97 9.59
CA ASP A 176 -2.66 -14.17 10.39
C ASP A 176 -3.96 -14.79 9.94
N THR A 177 -5.01 -14.02 9.86
CA THR A 177 -6.35 -14.55 9.43
C THR A 177 -6.33 -15.13 8.01
N ALA A 178 -5.79 -14.38 7.06
CA ALA A 178 -5.73 -14.85 5.69
C ALA A 178 -4.97 -16.13 5.56
N ALA A 179 -3.79 -16.24 6.16
CA ALA A 179 -2.99 -17.46 6.06
C ALA A 179 -3.74 -18.63 6.73
N ALA A 180 -4.41 -18.34 7.82
CA ALA A 180 -5.18 -19.41 8.51
C ALA A 180 -6.26 -19.95 7.56
N VAL A 181 -6.98 -19.04 6.88
CA VAL A 181 -7.97 -19.47 5.89
C VAL A 181 -7.36 -20.31 4.77
N LEU A 182 -6.29 -19.81 4.14
CA LEU A 182 -5.57 -20.58 3.15
C LEU A 182 -5.16 -21.95 3.67
N ASN A 183 -4.70 -21.97 4.92
CA ASN A 183 -4.20 -23.24 5.51
C ASN A 183 -5.35 -24.30 5.77
N GLU A 184 -6.60 -23.86 5.79
CA GLU A 184 -7.75 -24.80 5.78
C GLU A 184 -7.84 -25.63 4.47
N PHE A 185 -7.15 -25.24 3.38
CA PHE A 185 -7.35 -25.86 2.08
C PHE A 185 -6.12 -26.57 1.53
N PRO A 186 -6.03 -27.88 1.80
CA PRO A 186 -4.85 -28.57 1.35
C PRO A 186 -4.59 -28.52 -0.14
N LEU A 187 -5.57 -28.28 -0.98
CA LEU A 187 -5.30 -28.31 -2.42
C LEU A 187 -4.63 -26.99 -2.93
N VAL A 188 -4.72 -25.94 -2.10
CA VAL A 188 -4.05 -24.70 -2.38
C VAL A 188 -2.54 -24.93 -2.14
N LYS A 189 -1.81 -25.24 -3.19
CA LYS A 189 -0.39 -25.59 -3.06
C LYS A 189 0.56 -24.41 -3.27
N PHE A 190 0.08 -23.30 -3.79
CA PHE A 190 0.89 -22.11 -3.96
C PHE A 190 0.06 -20.86 -3.78
N VAL A 191 0.70 -19.85 -3.23
CA VAL A 191 0.08 -18.56 -2.95
C VAL A 191 0.94 -17.49 -3.64
N THR A 192 0.31 -16.75 -4.57
CA THR A 192 1.01 -15.68 -5.28
C THR A 192 0.77 -14.32 -4.59
N CYS A 193 1.86 -13.69 -4.12
CA CYS A 193 1.81 -12.45 -3.39
C CYS A 193 2.72 -11.47 -4.12
N VAL A 194 2.18 -10.36 -4.71
CA VAL A 194 0.86 -9.82 -4.54
C VAL A 194 0.34 -9.33 -5.83
N ASN A 195 -0.98 -9.20 -5.85
CA ASN A 195 -1.66 -8.46 -6.85
C ASN A 195 -1.35 -6.94 -6.66
N SER A 196 -1.88 -6.10 -7.55
CA SER A 196 -1.67 -4.63 -7.44
C SER A 196 -2.14 -4.02 -6.10
N VAL A 197 -1.44 -2.98 -5.67
CA VAL A 197 -1.79 -2.23 -4.47
C VAL A 197 -3.02 -1.38 -4.84
N GLY A 198 -4.14 -1.71 -4.19
CA GLY A 198 -5.41 -1.22 -4.61
C GLY A 198 -5.66 0.26 -4.53
N ASN A 199 -6.29 0.80 -5.58
CA ASN A 199 -6.90 2.11 -5.60
C ASN A 199 -5.98 3.21 -5.18
N GLY A 200 -4.84 3.28 -5.85
CA GLY A 200 -4.03 4.45 -5.77
C GLY A 200 -4.53 5.47 -6.76
N LEU A 201 -3.92 6.67 -6.74
CA LEU A 201 -4.38 7.71 -7.63
C LEU A 201 -3.13 8.43 -8.14
N VAL A 202 -2.84 8.37 -9.44
CA VAL A 202 -1.77 9.19 -10.05
C VAL A 202 -2.33 10.44 -10.72
N ILE A 203 -1.74 11.57 -10.35
CA ILE A 203 -2.17 12.88 -10.88
C ILE A 203 -1.02 13.50 -11.67
N ASP A 204 -1.30 13.93 -12.87
CA ASP A 204 -0.30 14.62 -13.70
C ASP A 204 -0.30 16.14 -13.31
N ALA A 205 0.79 16.68 -12.81
CA ALA A 205 0.85 18.05 -12.40
C ALA A 205 0.61 19.06 -13.48
N GLU A 206 1.14 18.82 -14.66
CA GLU A 206 1.00 19.81 -15.75
C GLU A 206 -0.44 19.97 -16.19
N SER A 207 -1.09 18.86 -16.50
CA SER A 207 -2.45 18.91 -16.96
C SER A 207 -3.48 18.96 -15.77
N GLU A 208 -3.04 18.80 -14.53
CA GLU A 208 -3.90 18.75 -13.32
C GLU A 208 -4.97 17.69 -13.39
N SER A 209 -4.66 16.61 -14.10
CA SER A 209 -5.59 15.57 -14.42
C SER A 209 -5.10 14.24 -13.90
N VAL A 210 -6.07 13.39 -13.47
CA VAL A 210 -5.80 11.98 -13.31
C VAL A 210 -5.41 11.38 -14.67
N VAL A 211 -4.80 10.22 -14.69
CA VAL A 211 -4.14 9.69 -15.91
C VAL A 211 -4.85 8.51 -16.50
N ILE A 212 -5.85 7.98 -15.77
CA ILE A 212 -6.64 6.93 -16.32
C ILE A 212 -8.11 7.34 -16.18
N LYS A 213 -8.91 6.84 -17.10
CA LYS A 213 -10.30 7.23 -17.25
C LYS A 213 -11.32 6.53 -16.29
N PRO A 214 -11.20 5.21 -16.09
CA PRO A 214 -12.18 4.61 -15.20
C PRO A 214 -12.04 5.02 -13.75
N LYS A 215 -13.13 4.87 -12.98
CA LYS A 215 -13.07 5.04 -11.52
C LYS A 215 -12.46 6.37 -11.07
N GLN A 216 -12.68 7.44 -11.82
CA GLN A 216 -12.18 8.80 -11.54
C GLN A 216 -10.70 8.80 -11.32
N GLY A 217 -10.05 7.87 -12.00
CA GLY A 217 -8.57 7.82 -11.99
C GLY A 217 -8.00 6.92 -10.97
N PHE A 218 -8.83 6.23 -10.16
CA PHE A 218 -8.33 5.31 -9.16
C PHE A 218 -8.01 3.95 -9.79
N GLY A 219 -6.87 3.37 -9.46
CA GLY A 219 -6.48 2.10 -10.03
C GLY A 219 -5.39 1.43 -9.26
N GLY A 220 -5.12 0.19 -9.61
CA GLY A 220 -4.13 -0.56 -8.93
C GLY A 220 -2.71 -0.21 -9.30
N LEU A 221 -1.86 -0.21 -8.29
CA LEU A 221 -0.42 0.22 -8.45
C LEU A 221 0.50 -0.99 -8.54
N GLY A 222 1.40 -0.95 -9.50
CA GLY A 222 2.43 -1.95 -9.64
C GLY A 222 3.79 -1.22 -9.76
N GLY A 223 4.85 -1.98 -9.70
CA GLY A 223 6.18 -1.51 -9.97
C GLY A 223 6.95 -1.10 -8.73
N LYS A 224 7.87 -0.15 -8.91
CA LYS A 224 8.79 0.21 -7.81
C LYS A 224 8.08 0.68 -6.55
N TYR A 225 6.88 1.26 -6.70
CA TYR A 225 6.10 1.70 -5.57
C TYR A 225 5.89 0.57 -4.59
N ILE A 226 5.82 -0.65 -5.10
CA ILE A 226 5.21 -1.70 -4.31
C ILE A 226 6.17 -2.80 -3.86
N LEU A 227 7.47 -2.67 -4.12
CA LEU A 227 8.39 -3.77 -3.78
C LEU A 227 8.40 -4.12 -2.29
N PRO A 228 8.61 -3.18 -1.36
CA PRO A 228 8.59 -3.56 0.05
C PRO A 228 7.29 -4.20 0.54
N THR A 229 6.17 -3.73 0.02
CA THR A 229 4.85 -4.30 0.28
C THR A 229 4.83 -5.75 -0.21
N ALA A 230 5.36 -5.97 -1.43
CA ALA A 230 5.34 -7.31 -2.04
C ALA A 230 6.25 -8.25 -1.25
N LEU A 231 7.45 -7.80 -0.85
CA LEU A 231 8.35 -8.56 -0.05
C LEU A 231 7.72 -8.89 1.33
N ALA A 232 7.06 -7.93 1.95
CA ALA A 232 6.41 -8.20 3.22
C ALA A 232 5.37 -9.34 3.07
N ASN A 233 4.57 -9.28 2.01
CA ASN A 233 3.53 -10.27 1.82
C ASN A 233 4.09 -11.66 1.49
N VAL A 234 5.06 -11.73 0.57
CA VAL A 234 5.81 -12.98 0.36
C VAL A 234 6.31 -13.60 1.69
N ASN A 235 7.01 -12.83 2.51
CA ASN A 235 7.64 -13.40 3.67
C ASN A 235 6.56 -13.77 4.71
N ALA A 236 5.53 -12.95 4.85
CA ALA A 236 4.46 -13.21 5.84
C ALA A 236 3.80 -14.55 5.57
N PHE A 237 3.47 -14.78 4.30
CA PHE A 237 2.90 -16.05 3.87
C PHE A 237 3.84 -17.22 3.87
N TYR A 238 5.13 -16.99 3.52
CA TYR A 238 6.16 -18.00 3.55
C TYR A 238 6.27 -18.48 4.97
N ARG A 239 6.27 -17.56 5.93
CA ARG A 239 6.40 -18.00 7.32
C ARG A 239 5.09 -18.70 7.84
N ARG A 240 3.93 -18.25 7.43
CA ARG A 240 2.68 -18.74 8.00
C ARG A 240 2.21 -19.98 7.24
N CYS A 241 2.73 -20.27 6.03
CA CYS A 241 2.22 -21.42 5.26
C CYS A 241 3.33 -22.40 4.89
N PRO A 242 3.80 -23.17 5.90
CA PRO A 242 5.01 -23.95 5.70
C PRO A 242 4.78 -25.10 4.74
N ASP A 243 3.55 -25.54 4.58
CA ASP A 243 3.30 -26.60 3.64
C ASP A 243 2.92 -26.12 2.23
N LYS A 244 2.94 -24.80 1.94
CA LYS A 244 2.58 -24.28 0.60
C LYS A 244 3.78 -23.58 -0.01
N LEU A 245 3.77 -23.44 -1.35
CA LEU A 245 4.79 -22.61 -2.04
C LEU A 245 4.30 -21.15 -2.03
N VAL A 246 5.25 -20.18 -2.04
CA VAL A 246 4.89 -18.80 -2.28
C VAL A 246 5.56 -18.36 -3.57
N PHE A 247 4.77 -17.74 -4.46
CA PHE A 247 5.26 -17.12 -5.70
C PHE A 247 5.31 -15.61 -5.41
N GLY A 248 6.42 -14.96 -5.77
CA GLY A 248 6.52 -13.54 -5.50
C GLY A 248 6.12 -12.72 -6.68
N CYS A 249 5.50 -11.57 -6.44
CA CYS A 249 5.05 -10.73 -7.55
C CYS A 249 4.99 -9.32 -6.98
N GLY A 250 5.68 -8.36 -7.63
CA GLY A 250 5.57 -6.96 -7.20
C GLY A 250 6.95 -6.28 -7.24
N GLY A 251 7.09 -5.35 -8.14
CA GLY A 251 8.28 -4.51 -8.11
C GLY A 251 9.54 -5.11 -8.64
N VAL A 252 9.46 -6.21 -9.40
CA VAL A 252 10.65 -6.83 -9.96
C VAL A 252 11.04 -6.12 -11.26
N TYR A 253 12.16 -5.42 -11.21
CA TYR A 253 12.84 -4.84 -12.39
C TYR A 253 14.27 -5.38 -12.63
N SER A 254 14.78 -6.20 -11.75
CA SER A 254 16.22 -6.56 -11.79
C SER A 254 16.44 -7.89 -11.10
N GLY A 255 17.59 -8.48 -11.36
CA GLY A 255 17.93 -9.76 -10.76
C GLY A 255 18.03 -9.54 -9.27
N GLU A 256 18.45 -8.34 -8.88
CA GLU A 256 18.52 -8.02 -7.48
C GLU A 256 17.14 -8.04 -6.83
N ASP A 257 16.14 -7.40 -7.44
CA ASP A 257 14.77 -7.47 -6.90
C ASP A 257 14.29 -8.91 -6.77
N ALA A 258 14.65 -9.73 -7.77
CA ALA A 258 14.28 -11.13 -7.78
C ALA A 258 14.94 -11.86 -6.67
N PHE A 259 16.23 -11.54 -6.46
CA PHE A 259 16.98 -12.07 -5.31
C PHE A 259 16.30 -11.79 -3.96
N LEU A 260 15.79 -10.58 -3.76
CA LEU A 260 15.15 -10.23 -2.54
C LEU A 260 13.83 -10.98 -2.36
N HIS A 261 13.06 -11.09 -3.45
CA HIS A 261 11.86 -11.91 -3.41
C HIS A 261 12.16 -13.34 -2.91
N ILE A 262 13.27 -13.92 -3.42
CA ILE A 262 13.58 -15.31 -3.20
C ILE A 262 14.08 -15.47 -1.78
N LEU A 263 14.93 -14.56 -1.31
CA LEU A 263 15.27 -14.48 0.11
C LEU A 263 14.07 -14.40 1.03
N ALA A 264 13.07 -13.68 0.60
CA ALA A 264 11.81 -13.55 1.36
C ALA A 264 10.98 -14.82 1.37
N GLY A 265 11.30 -15.76 0.52
CA GLY A 265 10.62 -17.04 0.36
C GLY A 265 10.00 -17.41 -0.99
N ALA A 266 10.11 -16.56 -1.98
CA ALA A 266 9.54 -16.81 -3.27
C ALA A 266 10.15 -18.04 -3.93
N SER A 267 9.31 -18.79 -4.61
CA SER A 267 9.71 -19.88 -5.46
C SER A 267 9.73 -19.36 -6.88
N MET A 268 8.59 -19.25 -7.51
CA MET A 268 8.46 -18.53 -8.75
C MET A 268 8.50 -17.01 -8.52
N VAL A 269 8.92 -16.28 -9.51
CA VAL A 269 8.96 -14.86 -9.45
C VAL A 269 8.32 -14.25 -10.73
N GLN A 270 7.26 -13.50 -10.54
CA GLN A 270 6.51 -12.95 -11.60
C GLN A 270 6.89 -11.48 -11.82
N VAL A 271 6.69 -11.05 -13.06
CA VAL A 271 7.06 -9.76 -13.51
C VAL A 271 5.95 -9.12 -14.31
N GLY A 272 5.40 -8.02 -13.76
CA GLY A 272 4.31 -7.29 -14.41
C GLY A 272 4.72 -6.00 -15.06
N THR A 273 4.68 -4.89 -14.35
CA THR A 273 4.96 -3.59 -14.90
C THR A 273 6.25 -3.59 -15.69
N ALA A 274 7.26 -4.20 -15.16
CA ALA A 274 8.60 -4.04 -15.84
C ALA A 274 8.62 -4.77 -17.16
N LEU A 275 7.86 -5.89 -17.23
CA LEU A 275 7.64 -6.62 -18.45
C LEU A 275 6.78 -5.82 -19.46
N GLN A 276 5.66 -5.25 -19.00
CA GLN A 276 4.87 -4.40 -19.84
C GLN A 276 5.69 -3.26 -20.44
N GLU A 277 6.65 -2.73 -19.67
CA GLU A 277 7.50 -1.62 -20.11
C GLU A 277 8.67 -1.98 -20.96
N GLU A 278 9.37 -3.05 -20.64
CA GLU A 278 10.57 -3.44 -21.30
C GLU A 278 10.37 -4.49 -22.39
N GLY A 279 9.30 -5.28 -22.27
CA GLY A 279 9.11 -6.36 -23.25
C GLY A 279 9.82 -7.63 -22.80
N PRO A 280 9.62 -8.73 -23.51
CA PRO A 280 10.04 -10.06 -23.07
C PRO A 280 11.55 -10.30 -23.03
N GLY A 281 12.31 -9.43 -23.69
CA GLY A 281 13.81 -9.44 -23.48
C GLY A 281 14.20 -9.31 -22.06
N ILE A 282 13.29 -8.81 -21.19
CA ILE A 282 13.61 -8.61 -19.78
C ILE A 282 14.08 -9.92 -19.13
N PHE A 283 13.52 -11.04 -19.58
CA PHE A 283 13.79 -12.30 -18.95
C PHE A 283 15.23 -12.73 -19.11
N THR A 284 15.87 -12.42 -20.23
CA THR A 284 17.32 -12.82 -20.29
C THR A 284 18.14 -11.98 -19.36
N ARG A 285 17.78 -10.72 -19.25
CA ARG A 285 18.50 -9.79 -18.41
C ARG A 285 18.34 -10.22 -16.99
N LEU A 286 17.12 -10.58 -16.61
CA LEU A 286 16.85 -10.94 -15.23
C LEU A 286 17.64 -12.19 -14.80
N GLU A 287 17.70 -13.15 -15.70
CA GLU A 287 18.41 -14.39 -15.45
C GLU A 287 19.92 -14.12 -15.28
N ASP A 288 20.49 -13.35 -16.18
CA ASP A 288 21.92 -12.98 -16.10
C ASP A 288 22.24 -12.20 -14.87
N GLU A 289 21.34 -11.25 -14.52
CA GLU A 289 21.56 -10.48 -13.32
C GLU A 289 21.48 -11.31 -12.06
N LEU A 290 20.53 -12.24 -11.97
CA LEU A 290 20.36 -13.05 -10.80
C LEU A 290 21.55 -14.03 -10.71
N LEU A 291 21.97 -14.60 -11.85
CA LEU A 291 23.12 -15.50 -11.83
C LEU A 291 24.39 -14.78 -11.42
N GLU A 292 24.52 -13.49 -11.76
CA GLU A 292 25.69 -12.72 -11.37
C GLU A 292 25.71 -12.53 -9.89
N ILE A 293 24.55 -12.18 -9.29
CA ILE A 293 24.49 -12.04 -7.83
C ILE A 293 24.83 -13.35 -7.12
N MET A 294 24.27 -14.44 -7.63
CA MET A 294 24.56 -15.76 -7.08
C MET A 294 26.06 -16.10 -7.20
N ALA A 295 26.69 -15.83 -8.32
CA ALA A 295 28.12 -16.15 -8.43
C ALA A 295 28.96 -15.37 -7.42
N ARG A 296 28.69 -14.08 -7.27
CA ARG A 296 29.38 -13.25 -6.31
C ARG A 296 29.25 -13.73 -4.83
N LYS A 297 28.13 -14.34 -4.49
CA LYS A 297 27.86 -14.85 -3.16
C LYS A 297 28.20 -16.32 -3.03
N GLY A 298 28.65 -16.96 -4.09
CA GLY A 298 28.91 -18.42 -4.01
C GLY A 298 27.66 -19.30 -3.90
N TYR A 299 26.51 -18.80 -4.35
CA TYR A 299 25.28 -19.63 -4.33
C TYR A 299 25.19 -20.39 -5.67
N ARG A 300 24.94 -21.68 -5.58
CA ARG A 300 24.85 -22.49 -6.80
C ARG A 300 23.41 -22.85 -7.25
N THR A 301 22.49 -22.83 -6.30
CA THR A 301 21.09 -23.05 -6.56
C THR A 301 20.21 -22.07 -5.76
N LEU A 302 18.95 -21.98 -6.21
CA LEU A 302 17.98 -21.10 -5.54
C LEU A 302 17.65 -21.55 -4.11
N GLU A 303 17.63 -22.88 -3.89
CA GLU A 303 17.24 -23.40 -2.56
C GLU A 303 18.28 -23.06 -1.50
N GLU A 304 19.55 -22.77 -1.90
CA GLU A 304 20.55 -22.37 -0.92
C GLU A 304 20.19 -21.07 -0.18
N PHE A 305 19.45 -20.17 -0.84
CA PHE A 305 19.02 -18.92 -0.19
C PHE A 305 17.50 -18.64 -0.09
N ARG A 306 16.63 -19.49 -0.65
CA ARG A 306 15.19 -19.20 -0.64
C ARG A 306 14.73 -19.16 0.79
N GLY A 307 14.05 -18.08 1.17
CA GLY A 307 13.47 -17.94 2.54
C GLY A 307 14.53 -17.63 3.62
N ARG A 308 15.80 -17.41 3.26
CA ARG A 308 16.84 -17.28 4.26
C ARG A 308 17.18 -15.82 4.61
N VAL A 309 16.22 -14.93 4.39
CA VAL A 309 16.31 -13.56 4.82
C VAL A 309 16.68 -13.57 6.32
N LYS A 310 17.67 -12.79 6.68
CA LYS A 310 18.12 -12.68 8.10
C LYS A 310 17.34 -11.62 8.80
N THR A 311 16.96 -11.88 10.03
CA THR A 311 16.50 -10.82 10.93
C THR A 311 17.59 -10.32 11.88
N ILE A 312 17.34 -9.19 12.54
CA ILE A 312 18.38 -8.57 13.37
C ILE A 312 18.12 -9.03 14.84
N GLU A 313 19.09 -9.73 15.43
CA GLU A 313 18.85 -10.55 16.66
C GLU A 313 17.74 -11.57 16.34
N MET B 1 2.83 38.15 -3.63
CA MET B 1 2.04 36.90 -3.39
C MET B 1 2.54 36.05 -2.21
N CYS B 2 1.60 35.44 -1.52
CA CYS B 2 1.90 34.69 -0.30
C CYS B 2 0.85 33.58 -0.16
N LEU B 3 1.25 32.53 0.58
CA LEU B 3 0.55 31.26 0.66
C LEU B 3 -0.33 31.20 1.91
N LYS B 4 -0.68 32.36 2.50
CA LYS B 4 -1.40 32.43 3.79
C LYS B 4 -2.79 31.79 3.68
N LEU B 5 -3.27 31.15 4.75
CA LEU B 5 -4.61 30.58 4.83
C LEU B 5 -5.19 30.51 6.26
N ASN B 6 -6.50 30.29 6.34
CA ASN B 6 -7.17 30.36 7.55
C ASN B 6 -7.95 29.12 7.63
N LEU B 7 -7.83 28.37 8.71
CA LEU B 7 -8.77 27.30 8.99
C LEU B 7 -8.83 26.85 10.43
N LEU B 8 -9.92 26.19 10.77
CA LEU B 8 -10.12 25.78 12.14
C LEU B 8 -9.96 27.01 13.03
N ASP B 9 -10.34 28.16 12.54
CA ASP B 9 -10.20 29.39 13.28
C ASP B 9 -8.77 29.72 13.69
N HIS B 10 -7.81 29.32 12.89
CA HIS B 10 -6.45 29.74 13.07
C HIS B 10 -5.92 30.25 11.76
N VAL B 11 -4.85 31.01 11.83
CA VAL B 11 -4.21 31.52 10.63
C VAL B 11 -2.89 30.80 10.43
N PHE B 12 -2.53 30.49 9.17
CA PHE B 12 -1.34 29.75 8.88
C PHE B 12 -0.60 30.49 7.76
N ALA B 13 0.70 30.74 7.90
CA ALA B 13 1.51 31.44 6.88
C ALA B 13 1.62 30.67 5.58
N ASN B 14 1.45 29.35 5.65
CA ASN B 14 1.54 28.48 4.48
C ASN B 14 0.97 27.11 4.90
N PRO B 15 0.69 26.24 3.93
CA PRO B 15 -0.02 25.02 4.28
C PRO B 15 0.92 23.89 4.81
N PHE B 16 2.23 24.16 4.94
CA PHE B 16 3.16 23.08 5.32
C PHE B 16 3.32 22.85 6.84
N MET B 17 3.46 21.58 7.21
CA MET B 17 3.83 21.20 8.56
C MET B 17 4.53 19.89 8.56
N ASN B 18 5.13 19.55 9.67
CA ASN B 18 5.69 18.22 9.81
C ASN B 18 4.55 17.23 9.95
N ALA B 19 4.87 16.00 9.56
CA ALA B 19 4.08 14.84 9.93
C ALA B 19 4.38 14.43 11.33
N ALA B 20 3.31 14.00 12.05
CA ALA B 20 3.49 13.51 13.39
C ALA B 20 4.55 12.42 13.40
N GLY B 21 5.38 12.51 14.41
CA GLY B 21 6.51 11.63 14.66
C GLY B 21 7.83 12.13 14.15
N VAL B 22 7.87 13.06 13.23
CA VAL B 22 9.11 13.53 12.65
C VAL B 22 9.44 14.90 13.23
N LEU B 23 10.62 15.04 13.79
CA LEU B 23 11.14 16.29 14.37
C LEU B 23 10.18 16.95 15.37
N CYS B 24 9.65 16.14 16.25
CA CYS B 24 8.66 16.63 17.12
C CYS B 24 8.51 15.93 18.46
N SER B 25 9.54 15.24 18.90
CA SER B 25 9.47 14.40 20.06
C SER B 25 9.91 15.08 21.35
N THR B 26 10.88 15.97 21.25
CA THR B 26 11.48 16.63 22.35
C THR B 26 11.30 18.13 22.30
N GLU B 27 11.57 18.80 23.39
CA GLU B 27 11.38 20.25 23.43
C GLU B 27 12.28 20.88 22.34
N GLU B 28 13.50 20.38 22.24
CA GLU B 28 14.43 20.82 21.19
C GLU B 28 13.81 20.67 19.80
N ASP B 29 13.26 19.50 19.50
CA ASP B 29 12.58 19.24 18.23
C ASP B 29 11.47 20.27 17.93
N LEU B 30 10.59 20.45 18.90
CA LEU B 30 9.41 21.32 18.78
C LEU B 30 9.84 22.78 18.65
N ARG B 31 10.88 23.17 19.38
CA ARG B 31 11.49 24.48 19.21
C ARG B 31 12.09 24.67 17.79
N CYS B 32 12.72 23.63 17.30
CA CYS B 32 13.26 23.65 15.96
C CYS B 32 12.15 23.78 14.87
N MET B 33 11.12 22.94 14.96
CA MET B 33 9.94 23.10 14.12
C MET B 33 9.25 24.48 14.22
N THR B 34 9.18 25.06 15.41
CA THR B 34 8.62 26.39 15.57
C THR B 34 9.48 27.47 14.85
N ALA B 35 10.79 27.32 14.92
CA ALA B 35 11.74 28.31 14.32
C ALA B 35 11.81 28.15 12.81
N SER B 36 11.34 27.00 12.30
CA SER B 36 11.25 26.77 10.87
C SER B 36 10.22 27.65 10.13
N SER B 37 10.25 27.56 8.81
CA SER B 37 9.28 28.24 7.91
C SER B 37 7.93 27.58 7.79
N SER B 38 7.76 26.47 8.45
CA SER B 38 6.52 25.72 8.35
C SER B 38 5.37 26.58 8.78
N GLY B 39 4.21 26.32 8.23
CA GLY B 39 3.03 26.98 8.64
C GLY B 39 2.42 26.53 9.95
N ALA B 40 2.76 25.34 10.41
CA ALA B 40 2.26 24.78 11.67
C ALA B 40 3.24 23.65 12.10
N LEU B 41 3.04 23.09 13.29
CA LEU B 41 3.71 21.88 13.68
C LEU B 41 2.76 20.98 14.46
N VAL B 42 3.12 19.71 14.50
CA VAL B 42 2.41 18.66 15.26
C VAL B 42 3.41 17.88 16.16
N SER B 43 3.02 17.61 17.42
CA SER B 43 3.87 16.90 18.36
C SER B 43 3.83 15.38 18.04
N LYS B 44 4.83 14.63 18.48
CA LYS B 44 4.85 13.18 18.43
C LYS B 44 3.62 12.55 19.11
N SER B 45 3.00 11.56 18.49
CA SER B 45 1.85 10.91 19.12
C SER B 45 2.29 10.46 20.52
N CYS B 46 1.51 10.82 21.53
CA CYS B 46 1.86 10.46 22.90
C CYS B 46 0.91 9.50 23.60
N THR B 47 1.47 8.91 24.63
CA THR B 47 0.76 8.06 25.57
C THR B 47 0.79 8.74 26.97
N SER B 48 -0.05 8.24 27.91
CA SER B 48 -0.13 8.79 29.24
C SER B 48 1.23 8.84 29.87
N ALA B 49 1.92 7.71 29.83
CA ALA B 49 3.28 7.56 30.40
C ALA B 49 4.37 7.63 29.29
N PRO B 50 5.61 8.02 29.63
CA PRO B 50 6.74 8.04 28.71
C PRO B 50 7.01 6.62 28.18
N ARG B 51 7.52 6.48 26.93
CA ARG B 51 7.89 5.22 26.37
C ARG B 51 9.23 5.38 25.70
N ASP B 52 10.08 4.37 25.88
CA ASP B 52 11.34 4.29 25.19
C ASP B 52 11.19 3.89 23.71
N GLY B 53 10.11 3.21 23.35
CA GLY B 53 9.99 2.70 22.00
C GLY B 53 10.73 1.39 21.81
N ASN B 54 10.82 0.97 20.56
CA ASN B 54 11.44 -0.32 20.20
C ASN B 54 12.94 -0.26 20.14
N PRO B 55 13.60 -1.44 20.24
CA PRO B 55 15.05 -1.50 20.01
C PRO B 55 15.47 -0.93 18.64
N GLU B 56 16.68 -0.36 18.55
CA GLU B 56 17.23 0.24 17.33
C GLU B 56 18.02 -0.84 16.64
N PRO B 57 18.17 -0.77 15.31
CA PRO B 57 17.66 0.22 14.39
C PRO B 57 16.15 0.06 14.19
N ARG B 58 15.42 1.17 14.12
CA ARG B 58 13.96 1.12 14.10
C ARG B 58 13.40 2.08 12.98
N TYR B 59 14.30 2.81 12.33
CA TYR B 59 13.94 3.68 11.23
C TYR B 59 15.07 3.58 10.21
N MET B 60 14.73 3.46 8.95
CA MET B 60 15.79 3.55 7.96
C MET B 60 15.24 4.21 6.73
N ALA B 61 16.07 4.97 6.02
CA ALA B 61 15.57 5.54 4.80
C ALA B 61 16.43 5.20 3.60
N PHE B 62 15.86 5.39 2.42
CA PHE B 62 16.46 4.96 1.16
C PHE B 62 16.00 5.91 0.09
N PRO B 63 16.56 5.81 -1.12
CA PRO B 63 16.23 6.81 -2.13
C PRO B 63 14.70 6.90 -2.37
N LEU B 64 13.97 5.78 -2.31
CA LEU B 64 12.51 5.86 -2.52
C LEU B 64 11.63 6.02 -1.27
N GLY B 65 12.23 6.06 -0.11
CA GLY B 65 11.37 6.19 1.04
C GLY B 65 11.96 5.63 2.30
N SER B 66 11.08 5.41 3.28
CA SER B 66 11.51 5.03 4.61
C SER B 66 10.65 3.89 5.13
N ILE B 67 11.19 3.21 6.13
CA ILE B 67 10.51 2.17 6.88
C ILE B 67 10.75 2.40 8.37
N ASN B 68 9.72 2.21 9.21
CA ASN B 68 9.89 2.46 10.63
C ASN B 68 8.97 1.57 11.44
N SER B 69 9.48 1.13 12.59
CA SER B 69 8.64 0.55 13.62
C SER B 69 9.20 1.13 14.89
N MET B 70 8.87 2.40 15.07
CA MET B 70 9.49 3.14 16.16
C MET B 70 9.00 2.57 17.50
N GLY B 71 7.73 2.16 17.58
CA GLY B 71 7.15 1.76 18.88
C GLY B 71 6.61 2.84 19.81
N LEU B 72 6.23 3.96 19.22
CA LEU B 72 5.66 5.09 19.95
C LEU B 72 6.55 5.60 21.09
N PRO B 73 7.83 5.76 20.80
CA PRO B 73 8.62 6.44 21.77
C PRO B 73 8.16 7.89 21.91
N ASN B 74 8.06 8.38 23.15
CA ASN B 74 7.57 9.71 23.41
C ASN B 74 7.80 10.07 24.86
N LEU B 75 7.84 11.36 25.16
CA LEU B 75 8.05 11.82 26.49
C LEU B 75 6.85 11.74 27.44
N GLY B 76 5.70 11.33 26.95
CA GLY B 76 4.51 11.30 27.73
C GLY B 76 3.65 12.53 27.66
N PHE B 77 2.37 12.30 27.85
CA PHE B 77 1.38 13.30 27.67
C PHE B 77 1.63 14.52 28.54
N ASP B 78 2.04 14.33 29.84
CA ASP B 78 2.33 15.53 30.66
C ASP B 78 3.29 16.47 29.96
N PHE B 79 4.29 15.89 29.31
CA PHE B 79 5.29 16.75 28.62
C PHE B 79 4.68 17.57 27.47
N TYR B 80 3.94 16.94 26.56
CA TYR B 80 3.39 17.69 25.39
C TYR B 80 2.27 18.64 25.85
N LEU B 81 1.57 18.26 26.92
CA LEU B 81 0.53 19.13 27.46
C LEU B 81 1.16 20.41 28.00
N LYS B 82 2.29 20.27 28.67
CA LYS B 82 3.01 21.39 29.24
C LYS B 82 3.63 22.21 28.13
N TYR B 83 4.16 21.52 27.11
CA TYR B 83 4.66 22.29 25.92
C TYR B 83 3.52 23.16 25.33
N ALA B 84 2.34 22.58 25.21
CA ALA B 84 1.21 23.29 24.64
C ALA B 84 0.73 24.46 25.51
N SER B 85 0.77 24.20 26.82
CA SER B 85 0.24 25.09 27.82
C SER B 85 1.19 26.25 28.18
N ASP B 86 2.46 25.95 28.40
CA ASP B 86 3.43 26.96 28.90
C ASP B 86 4.59 27.33 27.97
N LEU B 87 4.89 26.53 26.95
CA LEU B 87 6.18 26.72 26.21
C LEU B 87 5.99 27.17 24.79
N HIS B 88 4.93 26.70 24.14
CA HIS B 88 4.78 26.98 22.74
C HIS B 88 4.45 28.42 22.52
N ASP B 89 5.13 29.03 21.57
CA ASP B 89 4.84 30.38 21.20
C ASP B 89 3.76 30.47 20.09
N TYR B 90 2.51 30.64 20.52
CA TYR B 90 1.41 30.70 19.57
C TYR B 90 1.45 31.91 18.65
N SER B 91 2.27 32.92 18.92
CA SER B 91 2.44 34.02 17.97
C SER B 91 3.21 33.57 16.73
N LYS B 92 3.92 32.42 16.80
CA LYS B 92 4.76 31.93 15.70
C LYS B 92 3.99 31.09 14.71
N LYS B 93 3.21 30.13 15.22
CA LYS B 93 2.36 29.35 14.36
C LYS B 93 1.50 28.50 15.19
N PRO B 94 0.44 27.97 14.61
CA PRO B 94 -0.38 27.02 15.34
C PRO B 94 0.33 25.71 15.72
N LEU B 95 -0.17 25.10 16.79
CA LEU B 95 0.24 23.79 17.19
C LEU B 95 -0.87 22.74 17.25
N PHE B 96 -0.54 21.53 16.78
CA PHE B 96 -1.36 20.39 16.88
C PHE B 96 -0.70 19.40 17.81
N LEU B 97 -1.50 18.73 18.65
CA LEU B 97 -0.95 17.76 19.53
C LEU B 97 -1.57 16.41 19.12
N SER B 98 -0.72 15.43 18.90
CA SER B 98 -1.19 14.11 18.50
C SER B 98 -1.22 13.14 19.71
N ILE B 99 -2.32 12.41 19.86
CA ILE B 99 -2.39 11.43 20.92
C ILE B 99 -2.68 10.04 20.36
N SER B 100 -2.09 9.02 20.97
CA SER B 100 -2.22 7.65 20.51
C SER B 100 -2.22 6.75 21.74
N GLY B 101 -3.19 6.92 22.63
CA GLY B 101 -3.19 6.09 23.86
C GLY B 101 -3.45 4.64 23.47
N LEU B 102 -3.06 3.72 24.34
CA LEU B 102 -3.09 2.31 24.01
C LEU B 102 -4.49 1.69 24.23
N SER B 103 -5.44 2.47 24.76
CA SER B 103 -6.83 2.06 24.84
C SER B 103 -7.72 3.28 24.76
N VAL B 104 -8.99 3.04 24.49
CA VAL B 104 -9.96 4.10 24.51
C VAL B 104 -9.96 4.94 25.80
N GLU B 105 -9.78 4.26 26.95
CA GLU B 105 -9.83 4.91 28.26
C GLU B 105 -8.64 5.84 28.43
N GLU B 106 -7.49 5.33 28.06
CA GLU B 106 -6.29 6.14 28.14
C GLU B 106 -6.48 7.41 27.24
N ASN B 107 -7.04 7.24 26.03
CA ASN B 107 -7.31 8.42 25.18
C ASN B 107 -8.35 9.35 25.76
N VAL B 108 -9.40 8.79 26.35
CA VAL B 108 -10.40 9.63 26.97
C VAL B 108 -9.76 10.44 28.09
N ALA B 109 -8.94 9.79 28.92
CA ALA B 109 -8.34 10.51 30.04
C ALA B 109 -7.38 11.61 29.56
N MET B 110 -6.64 11.35 28.48
CA MET B 110 -5.81 12.46 27.91
C MET B 110 -6.67 13.57 27.30
N VAL B 111 -7.70 13.27 26.49
CA VAL B 111 -8.46 14.41 25.90
C VAL B 111 -9.16 15.30 26.96
N ARG B 112 -9.60 14.71 28.08
CA ARG B 112 -10.31 15.50 29.14
C ARG B 112 -9.34 16.57 29.66
N ARG B 113 -8.09 16.18 29.83
CA ARG B 113 -7.05 17.10 30.31
C ARG B 113 -6.67 18.09 29.25
N LEU B 114 -6.77 17.68 27.97
CA LEU B 114 -6.33 18.57 26.89
C LEU B 114 -7.34 19.67 26.65
N ALA B 115 -8.63 19.33 26.76
CA ALA B 115 -9.74 20.25 26.54
C ALA B 115 -9.51 21.69 27.03
N PRO B 116 -9.20 21.86 28.32
CA PRO B 116 -9.08 23.24 28.83
C PRO B 116 -7.92 23.99 28.28
N VAL B 117 -6.84 23.28 27.95
CA VAL B 117 -5.71 23.94 27.26
C VAL B 117 -6.04 24.30 25.81
N ALA B 118 -6.72 23.36 25.12
CA ALA B 118 -7.33 23.69 23.79
C ALA B 118 -8.17 24.97 23.88
N GLN B 119 -9.12 25.04 24.84
CA GLN B 119 -9.97 26.27 24.98
C GLN B 119 -9.11 27.47 25.19
N GLU B 120 -8.16 27.34 26.10
CA GLU B 120 -7.42 28.51 26.58
C GLU B 120 -6.38 29.02 25.55
N LYS B 121 -5.67 28.08 24.90
CA LYS B 121 -4.51 28.42 24.07
C LYS B 121 -4.67 28.13 22.58
N GLY B 122 -5.64 27.28 22.23
CA GLY B 122 -5.95 26.99 20.85
C GLY B 122 -5.14 25.85 20.18
N VAL B 123 -4.37 25.07 20.96
CA VAL B 123 -3.80 23.83 20.50
C VAL B 123 -4.92 22.94 19.97
N LEU B 124 -4.62 22.27 18.85
CA LEU B 124 -5.55 21.43 18.14
C LEU B 124 -5.19 19.96 18.25
N LEU B 125 -6.20 19.15 18.42
CA LEU B 125 -6.02 17.75 18.66
C LEU B 125 -6.06 16.98 17.32
N GLU B 126 -5.05 16.13 17.12
CA GLU B 126 -5.05 15.12 16.05
C GLU B 126 -5.03 13.80 16.73
N LEU B 127 -6.13 13.05 16.63
CA LEU B 127 -6.21 11.76 17.23
C LEU B 127 -5.70 10.71 16.27
N ASN B 128 -4.70 9.95 16.70
CA ASN B 128 -4.10 8.95 15.88
C ASN B 128 -4.90 7.63 15.90
N LEU B 129 -5.61 7.33 14.81
CA LEU B 129 -6.48 6.14 14.71
C LEU B 129 -5.77 4.89 14.25
N SER B 130 -4.43 4.99 14.09
CA SER B 130 -3.56 3.79 14.06
C SER B 130 -3.15 3.29 15.47
N CYS B 131 -3.73 3.87 16.50
CA CYS B 131 -3.54 3.43 17.85
C CYS B 131 -4.10 2.00 17.95
N PRO B 132 -3.47 1.17 18.87
CA PRO B 132 -3.85 -0.25 18.78
C PRO B 132 -5.22 -0.62 19.25
N ASN B 133 -5.83 -1.57 18.57
CA ASN B 133 -7.09 -2.07 18.98
C ASN B 133 -6.86 -2.78 20.29
N VAL B 134 -6.12 -3.88 20.11
CA VAL B 134 -5.61 -4.85 21.05
C VAL B 134 -4.61 -5.77 20.25
N PRO B 135 -3.63 -6.43 20.85
CA PRO B 135 -3.03 -7.48 20.03
C PRO B 135 -4.13 -8.48 19.73
N GLY B 136 -4.06 -9.11 18.58
CA GLY B 136 -5.12 -9.95 18.03
C GLY B 136 -6.18 -9.31 17.13
N LYS B 137 -6.22 -7.99 17.05
CA LYS B 137 -7.21 -7.31 16.23
C LYS B 137 -6.54 -6.22 15.42
N PRO B 138 -7.09 -5.91 14.25
CA PRO B 138 -6.40 -4.90 13.41
C PRO B 138 -6.40 -3.53 14.12
N GLN B 139 -5.49 -2.64 13.72
CA GLN B 139 -5.47 -1.31 14.29
C GLN B 139 -6.85 -0.75 14.22
N VAL B 140 -7.15 0.27 15.01
CA VAL B 140 -8.55 0.67 15.23
C VAL B 140 -9.23 1.17 13.95
N ALA B 141 -8.45 1.80 13.08
CA ALA B 141 -9.05 2.39 11.88
C ALA B 141 -9.45 1.34 10.85
N TYR B 142 -8.94 0.11 10.99
CA TYR B 142 -9.31 -1.01 10.14
C TYR B 142 -10.36 -1.92 10.79
N ASP B 143 -11.07 -1.38 11.78
CA ASP B 143 -12.14 -2.09 12.49
C ASP B 143 -13.21 -1.04 12.79
N PHE B 144 -14.18 -0.94 11.90
CA PHE B 144 -15.03 0.25 11.85
C PHE B 144 -15.93 0.40 13.05
N GLU B 145 -16.26 -0.71 13.69
CA GLU B 145 -17.08 -0.63 14.90
C GLU B 145 -16.30 -0.03 16.07
N ALA B 146 -15.06 -0.47 16.32
CA ALA B 146 -14.18 0.16 17.31
C ALA B 146 -13.88 1.61 16.97
N MET B 147 -13.68 1.91 15.68
CA MET B 147 -13.49 3.30 15.30
C MET B 147 -14.68 4.16 15.71
N ARG B 148 -15.90 3.74 15.41
CA ARG B 148 -17.11 4.48 15.84
C ARG B 148 -17.14 4.69 17.36
N THR B 149 -16.74 3.67 18.12
CA THR B 149 -16.70 3.78 19.59
C THR B 149 -15.64 4.73 20.07
N TYR B 150 -14.42 4.65 19.55
CA TYR B 150 -13.43 5.61 19.99
C TYR B 150 -13.98 7.00 19.77
N LEU B 151 -14.49 7.27 18.55
CA LEU B 151 -14.91 8.62 18.21
C LEU B 151 -16.09 9.02 19.08
N GLN B 152 -16.99 8.08 19.34
CA GLN B 152 -18.12 8.46 20.25
C GLN B 152 -17.59 9.00 21.58
N GLN B 153 -16.74 8.18 22.20
CA GLN B 153 -16.17 8.44 23.54
C GLN B 153 -15.30 9.67 23.57
N VAL B 154 -14.49 9.89 22.52
CA VAL B 154 -13.59 11.05 22.50
C VAL B 154 -14.38 12.30 22.27
N SER B 155 -15.34 12.27 21.36
CA SER B 155 -16.18 13.45 21.15
C SER B 155 -16.87 13.85 22.46
N LEU B 156 -17.43 12.87 23.16
CA LEU B 156 -18.11 13.13 24.46
C LEU B 156 -17.10 13.75 25.44
N ALA B 157 -15.94 13.11 25.55
CA ALA B 157 -14.92 13.52 26.51
C ALA B 157 -14.29 14.85 26.17
N TYR B 158 -14.08 15.15 24.89
CA TYR B 158 -13.32 16.32 24.51
C TYR B 158 -14.24 17.50 24.27
N GLY B 159 -15.34 17.29 23.55
CA GLY B 159 -16.32 18.34 23.28
C GLY B 159 -15.90 19.55 22.47
N LEU B 160 -14.76 19.48 21.76
CA LEU B 160 -14.34 20.57 20.88
C LEU B 160 -13.88 20.00 19.51
N PRO B 161 -13.80 20.84 18.46
CA PRO B 161 -13.32 20.39 17.12
C PRO B 161 -12.03 19.64 17.28
N PHE B 162 -11.86 18.52 16.60
CA PHE B 162 -10.55 17.86 16.53
C PHE B 162 -10.44 17.20 15.16
N GLY B 163 -9.29 16.58 14.91
CA GLY B 163 -9.11 15.78 13.73
C GLY B 163 -8.54 14.43 14.02
N VAL B 164 -8.48 13.64 12.95
CA VAL B 164 -8.06 12.29 13.05
C VAL B 164 -6.98 12.00 11.97
N LYS B 165 -6.00 11.20 12.35
CA LYS B 165 -4.96 10.64 11.48
C LYS B 165 -5.37 9.25 11.08
N MET B 166 -5.51 9.05 9.76
CA MET B 166 -6.03 7.79 9.23
C MET B 166 -4.92 7.01 8.56
N PRO B 167 -4.98 5.67 8.67
CA PRO B 167 -4.20 4.82 7.81
C PRO B 167 -4.77 4.85 6.42
N PRO B 168 -3.98 4.41 5.44
CA PRO B 168 -4.47 4.34 4.08
C PRO B 168 -5.43 3.19 3.96
N TYR B 169 -6.46 3.38 3.16
CA TYR B 169 -7.25 2.26 2.64
C TYR B 169 -6.99 1.99 1.17
N PHE B 170 -7.42 0.82 0.76
CA PHE B 170 -7.10 0.30 -0.55
C PHE B 170 -8.26 -0.25 -1.30
N ASP B 171 -9.44 -0.07 -0.74
CA ASP B 171 -10.62 -0.70 -1.29
C ASP B 171 -11.78 0.35 -1.20
N ILE B 172 -12.50 0.56 -2.29
CA ILE B 172 -13.52 1.61 -2.37
C ILE B 172 -14.64 1.41 -1.32
N ALA B 173 -14.99 0.16 -1.07
CA ALA B 173 -15.99 -0.12 -0.05
C ALA B 173 -15.49 0.40 1.28
N HIS B 174 -14.18 0.23 1.60
CA HIS B 174 -13.64 0.77 2.83
C HIS B 174 -13.63 2.27 2.88
N PHE B 175 -13.29 2.96 1.78
CA PHE B 175 -13.48 4.43 1.79
C PHE B 175 -14.93 4.81 2.17
N ASP B 176 -15.92 4.18 1.54
CA ASP B 176 -17.32 4.50 1.80
C ASP B 176 -17.63 4.28 3.26
N THR B 177 -17.21 3.16 3.82
CA THR B 177 -17.54 2.86 5.22
C THR B 177 -16.77 3.77 6.16
N ALA B 178 -15.45 3.93 5.96
CA ALA B 178 -14.68 4.78 6.84
C ALA B 178 -15.22 6.16 6.83
N ALA B 179 -15.51 6.69 5.65
CA ALA B 179 -15.94 8.09 5.60
C ALA B 179 -17.35 8.30 6.24
N ALA B 180 -18.24 7.35 6.02
CA ALA B 180 -19.58 7.43 6.66
C ALA B 180 -19.40 7.45 8.16
N VAL B 181 -18.49 6.61 8.70
CA VAL B 181 -18.25 6.60 10.18
C VAL B 181 -17.80 8.00 10.63
N LEU B 182 -16.85 8.60 9.90
CA LEU B 182 -16.33 9.85 10.30
C LEU B 182 -17.34 10.95 10.23
N ASN B 183 -18.18 10.90 9.19
CA ASN B 183 -19.25 11.88 9.04
C ASN B 183 -20.39 11.76 10.11
N GLU B 184 -20.37 10.71 10.92
CA GLU B 184 -21.27 10.65 12.12
C GLU B 184 -20.84 11.58 13.22
N PHE B 185 -19.63 12.18 13.09
CA PHE B 185 -19.08 12.99 14.16
C PHE B 185 -18.81 14.41 13.70
N PRO B 186 -19.75 15.33 14.00
CA PRO B 186 -19.56 16.74 13.66
C PRO B 186 -18.32 17.41 14.26
N LEU B 187 -17.81 16.96 15.41
CA LEU B 187 -16.60 17.57 15.97
C LEU B 187 -15.30 17.13 15.21
N VAL B 188 -15.38 16.10 14.36
CA VAL B 188 -14.17 15.68 13.60
C VAL B 188 -14.11 16.65 12.43
N LYS B 189 -13.28 17.65 12.53
CA LYS B 189 -13.31 18.73 11.55
C LYS B 189 -12.22 18.58 10.46
N PHE B 190 -11.19 17.79 10.76
CA PHE B 190 -10.14 17.52 9.77
C PHE B 190 -9.74 16.06 9.84
N VAL B 191 -9.43 15.50 8.67
CA VAL B 191 -9.06 14.15 8.49
C VAL B 191 -7.66 14.18 7.84
N THR B 192 -6.68 13.59 8.49
CA THR B 192 -5.31 13.59 7.90
C THR B 192 -5.03 12.26 7.23
N CYS B 193 -4.81 12.30 5.90
CA CYS B 193 -4.64 11.13 5.08
C CYS B 193 -3.25 11.28 4.42
N VAL B 194 -2.25 10.44 4.76
CA VAL B 194 -2.31 9.21 5.45
C VAL B 194 -1.14 8.98 6.38
N ASN B 195 -1.34 8.02 7.25
CA ASN B 195 -0.27 7.46 8.02
C ASN B 195 0.55 6.56 7.14
N SER B 196 1.65 6.05 7.65
CA SER B 196 2.48 5.09 6.90
C SER B 196 1.74 3.85 6.33
N VAL B 197 2.20 3.39 5.17
CA VAL B 197 1.60 2.20 4.55
C VAL B 197 2.13 1.00 5.38
N GLY B 198 1.21 0.27 6.03
CA GLY B 198 1.56 -0.67 7.08
C GLY B 198 2.30 -1.92 6.63
N ASN B 199 3.24 -2.30 7.47
CA ASN B 199 3.93 -3.59 7.38
C ASN B 199 4.50 -3.94 6.00
N GLY B 200 5.29 -3.04 5.44
CA GLY B 200 6.17 -3.41 4.34
C GLY B 200 7.50 -3.98 4.93
N LEU B 201 8.37 -4.44 4.06
CA LEU B 201 9.53 -5.16 4.43
C LEU B 201 10.63 -4.73 3.47
N VAL B 202 11.65 -4.05 4.00
CA VAL B 202 12.87 -3.73 3.23
C VAL B 202 13.99 -4.71 3.54
N ILE B 203 14.59 -5.27 2.46
CA ILE B 203 15.67 -6.24 2.56
C ILE B 203 16.86 -5.68 1.88
N ASP B 204 18.01 -5.77 2.54
CA ASP B 204 19.30 -5.37 1.93
C ASP B 204 19.93 -6.56 1.16
N ALA B 205 20.11 -6.46 -0.16
CA ALA B 205 20.65 -7.56 -0.96
C ALA B 205 22.06 -7.97 -0.50
N GLU B 206 22.91 -7.01 -0.16
CA GLU B 206 24.32 -7.36 0.20
C GLU B 206 24.45 -8.23 1.47
N SER B 207 23.79 -7.82 2.56
CA SER B 207 23.85 -8.45 3.82
C SER B 207 22.77 -9.54 3.92
N GLU B 208 21.85 -9.57 2.97
CA GLU B 208 20.68 -10.53 2.98
C GLU B 208 19.84 -10.41 4.25
N SER B 209 19.72 -9.20 4.77
CA SER B 209 19.09 -8.97 6.07
C SER B 209 18.06 -7.91 5.93
N VAL B 210 17.03 -8.05 6.73
CA VAL B 210 16.14 -6.93 6.92
C VAL B 210 16.91 -5.73 7.53
N VAL B 211 16.30 -4.54 7.51
CA VAL B 211 17.04 -3.33 7.88
C VAL B 211 16.61 -2.67 9.17
N ILE B 212 15.50 -3.09 9.78
CA ILE B 212 15.14 -2.66 11.06
C ILE B 212 14.95 -3.92 11.93
N LYS B 213 15.16 -3.72 13.21
CA LYS B 213 15.21 -4.83 14.22
C LYS B 213 13.85 -5.31 14.77
N PRO B 214 12.94 -4.37 15.09
CA PRO B 214 11.58 -4.79 15.55
C PRO B 214 10.78 -5.59 14.48
N LYS B 215 9.88 -6.45 14.95
CA LYS B 215 8.90 -7.11 14.12
C LYS B 215 9.51 -7.84 12.90
N GLN B 216 10.68 -8.44 13.07
CA GLN B 216 11.35 -9.21 12.03
C GLN B 216 11.55 -8.39 10.73
N GLY B 217 11.68 -7.08 10.93
CA GLY B 217 11.96 -6.10 9.89
C GLY B 217 10.77 -5.43 9.29
N PHE B 218 9.54 -5.82 9.69
CA PHE B 218 8.32 -5.28 9.12
C PHE B 218 8.03 -3.91 9.74
N GLY B 219 7.60 -2.95 8.96
CA GLY B 219 7.24 -1.65 9.47
C GLY B 219 6.61 -0.74 8.46
N GLY B 220 6.19 0.43 8.89
CA GLY B 220 5.40 1.28 8.05
C GLY B 220 6.28 2.01 7.02
N LEU B 221 5.74 2.11 5.80
CA LEU B 221 6.41 2.80 4.68
C LEU B 221 5.96 4.25 4.52
N GLY B 222 6.94 5.11 4.32
CA GLY B 222 6.70 6.49 3.95
C GLY B 222 7.56 6.85 2.73
N GLY B 223 7.33 8.05 2.21
CA GLY B 223 8.19 8.54 1.13
C GLY B 223 7.60 8.30 -0.24
N LYS B 224 8.47 8.30 -1.24
CA LYS B 224 8.05 8.10 -2.62
C LYS B 224 7.23 6.86 -2.95
N TYR B 225 7.43 5.78 -2.21
CA TYR B 225 6.64 4.61 -2.37
C TYR B 225 5.16 4.91 -2.21
N ILE B 226 4.79 5.93 -1.42
CA ILE B 226 3.37 5.95 -1.00
C ILE B 226 2.55 7.13 -1.56
N LEU B 227 3.19 7.98 -2.37
CA LEU B 227 2.53 9.15 -2.91
C LEU B 227 1.20 8.84 -3.60
N PRO B 228 1.13 7.91 -4.57
CA PRO B 228 -0.22 7.71 -5.18
C PRO B 228 -1.31 7.17 -4.20
N THR B 229 -0.89 6.39 -3.24
CA THR B 229 -1.76 5.88 -2.21
C THR B 229 -2.27 7.05 -1.39
N ALA B 230 -1.38 7.94 -1.06
CA ALA B 230 -1.69 9.11 -0.24
C ALA B 230 -2.66 10.04 -0.97
N LEU B 231 -2.43 10.27 -2.29
CA LEU B 231 -3.30 11.08 -3.10
C LEU B 231 -4.64 10.43 -3.23
N ALA B 232 -4.69 9.14 -3.37
CA ALA B 232 -6.01 8.47 -3.50
C ALA B 232 -6.82 8.64 -2.22
N ASN B 233 -6.15 8.51 -1.08
CA ASN B 233 -6.87 8.66 0.18
C ASN B 233 -7.37 10.10 0.48
N VAL B 234 -6.53 11.08 0.23
CA VAL B 234 -6.91 12.45 0.35
C VAL B 234 -8.15 12.74 -0.53
N ASN B 235 -8.10 12.31 -1.80
CA ASN B 235 -9.17 12.62 -2.70
C ASN B 235 -10.46 11.86 -2.36
N ALA B 236 -10.33 10.61 -1.93
CA ALA B 236 -11.48 9.79 -1.57
C ALA B 236 -12.26 10.37 -0.36
N PHE B 237 -11.49 10.86 0.62
CA PHE B 237 -12.02 11.53 1.82
C PHE B 237 -12.48 12.93 1.52
N TYR B 238 -11.79 13.61 0.63
CA TYR B 238 -12.26 14.91 0.22
C TYR B 238 -13.60 14.82 -0.45
N ARG B 239 -13.77 13.85 -1.33
CA ARG B 239 -15.05 13.67 -1.98
C ARG B 239 -16.16 13.28 -0.99
N ARG B 240 -15.83 12.51 0.02
CA ARG B 240 -16.86 11.90 0.83
C ARG B 240 -17.19 12.71 2.07
N CYS B 241 -16.39 13.74 2.39
CA CYS B 241 -16.47 14.48 3.65
C CYS B 241 -16.51 15.95 3.29
N PRO B 242 -17.56 16.36 2.59
CA PRO B 242 -17.62 17.75 2.11
C PRO B 242 -17.67 18.80 3.19
N ASP B 243 -18.08 18.44 4.43
CA ASP B 243 -18.11 19.39 5.54
C ASP B 243 -16.90 19.30 6.45
N LYS B 244 -15.84 18.56 6.05
CA LYS B 244 -14.62 18.52 6.81
C LYS B 244 -13.45 19.03 5.94
N LEU B 245 -12.36 19.36 6.58
CA LEU B 245 -11.10 19.52 5.86
C LEU B 245 -10.36 18.18 5.74
N VAL B 246 -9.51 18.07 4.71
CA VAL B 246 -8.59 16.96 4.56
C VAL B 246 -7.19 17.53 4.59
N PHE B 247 -6.33 16.95 5.42
CA PHE B 247 -4.90 17.28 5.45
C PHE B 247 -4.18 16.17 4.73
N GLY B 248 -3.28 16.51 3.80
CA GLY B 248 -2.60 15.45 3.06
C GLY B 248 -1.24 15.15 3.68
N CYS B 249 -0.91 13.88 3.71
CA CYS B 249 0.31 13.40 4.23
C CYS B 249 0.71 12.20 3.42
N GLY B 250 1.93 12.25 2.92
CA GLY B 250 2.55 11.07 2.24
C GLY B 250 3.29 11.40 0.94
N GLY B 251 4.60 11.15 0.94
CA GLY B 251 5.40 11.28 -0.24
C GLY B 251 5.62 12.68 -0.72
N VAL B 252 5.55 13.64 0.20
CA VAL B 252 5.86 15.00 -0.17
C VAL B 252 7.40 15.26 -0.08
N TYR B 253 8.05 15.49 -1.23
CA TYR B 253 9.45 15.89 -1.30
C TYR B 253 9.69 17.24 -2.08
N SER B 254 8.67 17.74 -2.72
CA SER B 254 8.76 18.93 -3.59
C SER B 254 7.45 19.70 -3.54
N GLY B 255 7.54 20.94 -3.98
CA GLY B 255 6.34 21.77 -4.18
C GLY B 255 5.31 21.17 -5.17
N GLU B 256 5.84 20.48 -6.17
CA GLU B 256 5.05 19.69 -7.08
C GLU B 256 4.27 18.64 -6.35
N ASP B 257 4.90 17.85 -5.52
CA ASP B 257 4.14 16.83 -4.76
C ASP B 257 3.04 17.47 -3.90
N ALA B 258 3.37 18.60 -3.26
CA ALA B 258 2.42 19.38 -2.50
C ALA B 258 1.27 19.91 -3.32
N PHE B 259 1.58 20.37 -4.54
CA PHE B 259 0.60 20.83 -5.49
C PHE B 259 -0.39 19.72 -5.80
N LEU B 260 0.07 18.48 -5.98
CA LEU B 260 -0.82 17.37 -6.32
C LEU B 260 -1.71 17.02 -5.12
N HIS B 261 -1.16 17.07 -3.91
CA HIS B 261 -1.94 16.87 -2.69
C HIS B 261 -3.13 17.87 -2.61
N ILE B 262 -2.83 19.13 -2.92
CA ILE B 262 -3.82 20.20 -2.83
C ILE B 262 -4.84 20.01 -3.94
N LEU B 263 -4.40 19.65 -5.14
CA LEU B 263 -5.33 19.35 -6.21
C LEU B 263 -6.27 18.23 -5.83
N ALA B 264 -5.72 17.25 -5.12
CA ALA B 264 -6.50 16.13 -4.60
C ALA B 264 -7.49 16.54 -3.49
N GLY B 265 -7.26 17.71 -2.88
CA GLY B 265 -8.12 18.19 -1.84
C GLY B 265 -7.53 18.63 -0.49
N ALA B 266 -6.23 18.45 -0.33
CA ALA B 266 -5.56 18.82 0.86
C ALA B 266 -5.62 20.34 1.17
N SER B 267 -5.90 20.64 2.45
CA SER B 267 -5.83 21.99 2.99
C SER B 267 -4.45 22.27 3.56
N MET B 268 -3.98 21.38 4.40
CA MET B 268 -2.63 21.38 4.89
C MET B 268 -1.94 20.17 4.27
N VAL B 269 -0.60 20.28 4.23
CA VAL B 269 0.27 19.29 3.65
C VAL B 269 1.36 19.00 4.68
N GLN B 270 1.43 17.73 5.12
CA GLN B 270 2.39 17.29 6.09
C GLN B 270 3.57 16.62 5.40
N VAL B 271 4.74 16.74 6.02
CA VAL B 271 5.99 16.31 5.47
C VAL B 271 6.66 15.43 6.56
N GLY B 272 6.83 14.14 6.22
CA GLY B 272 7.49 13.19 7.09
C GLY B 272 8.87 12.81 6.61
N THR B 273 8.98 11.68 5.92
CA THR B 273 10.26 11.13 5.44
C THR B 273 11.17 12.23 4.86
N ALA B 274 10.63 13.09 4.04
CA ALA B 274 11.48 14.07 3.34
C ALA B 274 12.04 15.05 4.36
N LEU B 275 11.27 15.30 5.42
CA LEU B 275 11.71 16.23 6.50
C LEU B 275 12.78 15.53 7.38
N GLN B 276 12.55 14.26 7.68
CA GLN B 276 13.51 13.48 8.43
C GLN B 276 14.83 13.47 7.68
N GLU B 277 14.77 13.35 6.35
CA GLU B 277 15.99 13.24 5.55
C GLU B 277 16.70 14.58 5.26
N GLU B 278 15.98 15.62 4.95
CA GLU B 278 16.58 16.84 4.50
C GLU B 278 16.71 17.82 5.67
N GLY B 279 15.88 17.68 6.72
CA GLY B 279 15.92 18.69 7.76
C GLY B 279 14.91 19.82 7.47
N PRO B 280 14.75 20.74 8.40
CA PRO B 280 13.69 21.81 8.39
C PRO B 280 13.86 22.91 7.30
N GLY B 281 15.06 23.01 6.70
CA GLY B 281 15.29 23.75 5.48
C GLY B 281 14.30 23.45 4.40
N ILE B 282 13.81 22.20 4.43
CA ILE B 282 12.94 21.77 3.40
C ILE B 282 11.77 22.71 3.25
N PHE B 283 11.26 23.32 4.32
CA PHE B 283 10.08 24.16 4.24
C PHE B 283 10.22 25.41 3.37
N THR B 284 11.37 26.01 3.37
CA THR B 284 11.57 27.17 2.53
C THR B 284 11.58 26.74 1.10
N ARG B 285 12.13 25.57 0.81
CA ARG B 285 12.19 25.09 -0.55
C ARG B 285 10.81 24.72 -1.09
N LEU B 286 10.06 24.02 -0.27
CA LEU B 286 8.73 23.62 -0.61
C LEU B 286 7.80 24.82 -0.88
N GLU B 287 7.91 25.88 -0.12
CA GLU B 287 7.13 27.09 -0.31
C GLU B 287 7.50 27.71 -1.66
N ASP B 288 8.79 27.86 -1.91
CA ASP B 288 9.27 28.49 -3.14
C ASP B 288 8.81 27.72 -4.34
N GLU B 289 8.96 26.39 -4.29
CA GLU B 289 8.59 25.54 -5.37
C GLU B 289 7.06 25.57 -5.58
N LEU B 290 6.27 25.59 -4.53
CA LEU B 290 4.79 25.61 -4.71
C LEU B 290 4.42 27.00 -5.32
N LEU B 291 5.03 28.10 -4.83
CA LEU B 291 4.71 29.41 -5.36
C LEU B 291 5.12 29.53 -6.83
N GLU B 292 6.21 28.89 -7.21
CA GLU B 292 6.66 28.85 -8.60
C GLU B 292 5.69 28.10 -9.53
N ILE B 293 5.25 26.93 -9.14
CA ILE B 293 4.23 26.23 -9.93
C ILE B 293 2.96 27.10 -10.07
N MET B 294 2.49 27.63 -8.96
CA MET B 294 1.36 28.59 -8.96
C MET B 294 1.54 29.74 -9.92
N ALA B 295 2.67 30.41 -9.86
CA ALA B 295 2.92 31.55 -10.76
C ALA B 295 2.89 31.13 -12.22
N ARG B 296 3.53 30.04 -12.55
CA ARG B 296 3.52 29.57 -13.93
C ARG B 296 2.09 29.24 -14.45
N LYS B 297 1.19 28.77 -13.58
CA LYS B 297 -0.18 28.39 -13.96
C LYS B 297 -1.14 29.55 -13.84
N GLY B 298 -0.67 30.62 -13.24
CA GLY B 298 -1.43 31.79 -12.97
C GLY B 298 -2.35 31.71 -11.76
N TYR B 299 -2.06 30.84 -10.81
CA TYR B 299 -2.94 30.70 -9.65
C TYR B 299 -2.47 31.68 -8.56
N ARG B 300 -3.38 32.44 -7.97
CA ARG B 300 -3.03 33.39 -6.93
C ARG B 300 -3.30 32.84 -5.51
N THR B 301 -4.10 31.80 -5.40
CA THR B 301 -4.48 31.25 -4.13
C THR B 301 -4.59 29.76 -4.24
N LEU B 302 -4.56 29.12 -3.10
CA LEU B 302 -4.65 27.68 -3.02
C LEU B 302 -6.07 27.29 -3.27
N GLU B 303 -6.98 28.17 -2.86
CA GLU B 303 -8.43 27.93 -2.99
C GLU B 303 -8.84 27.72 -4.45
N GLU B 304 -8.15 28.42 -5.35
CA GLU B 304 -8.47 28.33 -6.77
C GLU B 304 -8.30 26.94 -7.32
N PHE B 305 -7.35 26.17 -6.78
CA PHE B 305 -7.15 24.76 -7.24
C PHE B 305 -7.37 23.62 -6.22
N ARG B 306 -7.66 23.91 -4.97
CA ARG B 306 -7.80 22.83 -4.06
C ARG B 306 -8.96 21.96 -4.48
N GLY B 307 -8.68 20.69 -4.61
CA GLY B 307 -9.69 19.70 -4.92
C GLY B 307 -10.14 19.76 -6.34
N ARG B 308 -9.43 20.42 -7.21
CA ARG B 308 -9.91 20.53 -8.57
C ARG B 308 -9.20 19.64 -9.55
N VAL B 309 -8.65 18.53 -9.09
CA VAL B 309 -8.10 17.54 -9.97
C VAL B 309 -9.17 17.20 -10.99
N LYS B 310 -8.77 17.17 -12.24
CA LYS B 310 -9.64 16.77 -13.32
C LYS B 310 -9.76 15.28 -13.56
N THR B 311 -10.98 14.78 -13.81
CA THR B 311 -11.12 13.38 -14.22
C THR B 311 -11.26 13.35 -15.75
N ILE B 312 -11.18 12.19 -16.37
CA ILE B 312 -11.29 12.08 -17.84
C ILE B 312 -12.71 11.66 -18.20
N GLU B 313 -13.40 12.45 -19.02
CA GLU B 313 -14.84 12.28 -19.30
C GLU B 313 -15.70 12.23 -18.03
#